data_2EUX
#
_entry.id   2EUX
#
_cell.length_a   69.955
_cell.length_b   79.133
_cell.length_c   161.832
_cell.angle_alpha   90.00
_cell.angle_beta   90.00
_cell.angle_gamma   90.00
#
_symmetry.space_group_name_H-M   'C 2 2 21'
#
loop_
_entity.id
_entity.type
_entity.pdbx_description
1 polymer "5'-D(*TP*GP*CP*GP*AP*CP*GP*CP*AP*AP*AP*AP*AP*C)-3'"
2 polymer "5'-D(*AP*GP*TP*TP*TP*TP*TP*GP*CP*GP*TP*CP*GP*C)-3'"
3 polymer 'NDT80 protein'
4 water water
#
loop_
_entity_poly.entity_id
_entity_poly.type
_entity_poly.pdbx_seq_one_letter_code
_entity_poly.pdbx_strand_id
1 'polydeoxyribonucleotide' (DT)(DG)(DC)(DG)(DA)(DC)(DG)(DC)(DA)(DA)(DA)(DA)(DA)(DC) B
2 'polydeoxyribonucleotide' (DA)(DG)(DT)(DT)(DT)(DT)(DT)(DG)(DC)(DG)(DT)(DC)(DG)(DC) C
3 'polypeptide(L)'
;GPLGSMNEMENTDPVLQDDLVSKYERELSTEQEEDTPVILTQLNEDGTTSNYFDKRKLKIAPRSTLQFKVGPPFELVRDY
CPVVESHTGRTLDLRIIPRIDRGFDHIDEEWVGYKRNYFTLVSTFETANCDLDTFLKSSFDLLVEDSSVEGRLRVQYFAI
KIKAKNDDDDTEINLVQHTAKRDKGPQFCPSVCPLVPSPLPKHQTIREASNVRNITKMKKYDSTFYLHRDHVNYEEYGVD
SLLFSYPEDSIQKVARYERVQFASSISVKKPSQQNKHFSLHVILGAVVDPDTFHGENPGIPYDELALKNGSKGMFVYLQE
MKTPPLIIRGRSPSNYASSQRITVR
;
A
#
# COMPACT_ATOMS: atom_id res chain seq x y z
N VAL C 38 12.39 -21.79 -18.06
CA VAL C 38 12.90 -20.37 -17.98
C VAL C 38 11.83 -19.44 -17.43
N ILE C 39 10.56 -19.69 -17.75
CA ILE C 39 9.43 -18.93 -17.21
C ILE C 39 8.56 -19.91 -16.47
N LEU C 40 8.28 -19.63 -15.19
CA LEU C 40 7.37 -20.42 -14.39
C LEU C 40 6.09 -19.65 -14.17
N THR C 41 4.97 -20.30 -14.45
CA THR C 41 3.69 -19.64 -14.45
C THR C 41 2.78 -20.15 -13.34
N GLN C 42 2.16 -19.20 -12.64
CA GLN C 42 1.12 -19.43 -11.63
C GLN C 42 -0.13 -18.68 -12.06
N LEU C 43 -1.28 -19.32 -11.89
CA LEU C 43 -2.57 -18.72 -12.17
C LEU C 43 -3.01 -17.81 -11.01
N ASN C 44 -3.37 -16.56 -11.31
CA ASN C 44 -3.82 -15.60 -10.28
C ASN C 44 -5.29 -15.82 -9.99
N GLU C 45 -5.79 -15.14 -8.96
CA GLU C 45 -7.16 -15.30 -8.51
C GLU C 45 -8.20 -14.93 -9.56
N ASP C 46 -7.87 -13.95 -10.40
CA ASP C 46 -8.79 -13.43 -11.41
C ASP C 46 -8.57 -14.05 -12.81
N GLY C 47 -7.70 -15.04 -12.89
CA GLY C 47 -7.50 -15.76 -14.13
C GLY C 47 -6.37 -15.25 -15.00
N THR C 48 -5.70 -14.20 -14.54
CA THR C 48 -4.48 -13.78 -15.19
C THR C 48 -3.36 -14.70 -14.72
N THR C 49 -2.18 -14.54 -15.32
CA THR C 49 -1.02 -15.31 -14.91
C THR C 49 0.02 -14.39 -14.37
N SER C 50 0.78 -14.95 -13.43
CA SER C 50 2.03 -14.40 -12.96
C SER C 50 3.07 -15.30 -13.56
N ASN C 51 4.04 -14.68 -14.23
CA ASN C 51 5.10 -15.34 -14.93
C ASN C 51 6.43 -14.93 -14.35
N TYR C 52 7.00 -15.84 -13.59
CA TYR C 52 8.22 -15.57 -12.87
C TYR C 52 9.40 -15.96 -13.70
N PHE C 53 10.32 -15.00 -13.87
CA PHE C 53 11.55 -15.29 -14.58
C PHE C 53 12.72 -14.58 -13.93
N ASP C 54 13.92 -15.09 -14.20
CA ASP C 54 15.13 -14.61 -13.56
C ASP C 54 15.81 -13.67 -14.55
N LYS C 55 15.93 -12.40 -14.20
CA LYS C 55 16.52 -11.40 -15.09
C LYS C 55 18.03 -11.59 -15.29
N ARG C 56 18.65 -12.44 -14.47
CA ARG C 56 20.03 -12.90 -14.73
C ARG C 56 20.14 -13.74 -15.98
N LYS C 57 19.02 -14.35 -16.39
CA LYS C 57 19.00 -15.32 -17.48
C LYS C 57 18.16 -14.91 -18.69
N LEU C 58 17.12 -14.10 -18.47
CA LEU C 58 16.14 -13.75 -19.49
C LEU C 58 15.78 -12.27 -19.38
N LYS C 59 16.01 -11.53 -20.47
CA LYS C 59 15.62 -10.13 -20.58
C LYS C 59 14.33 -10.03 -21.40
N ILE C 60 13.33 -9.41 -20.78
CA ILE C 60 12.02 -9.16 -21.33
C ILE C 60 11.84 -7.65 -21.47
N ALA C 61 11.10 -7.24 -22.49
CA ALA C 61 10.84 -5.83 -22.77
C ALA C 61 10.26 -5.11 -21.57
N PRO C 62 10.57 -3.82 -21.40
CA PRO C 62 10.07 -3.07 -20.24
C PRO C 62 8.56 -3.03 -20.09
N ARG C 63 7.82 -2.98 -21.19
CA ARG C 63 6.36 -2.87 -21.14
C ARG C 63 5.65 -4.18 -21.41
N SER C 64 6.40 -5.26 -21.52
CA SER C 64 5.75 -6.57 -21.65
C SER C 64 4.84 -6.85 -20.46
N THR C 65 3.68 -7.47 -20.71
CA THR C 65 2.79 -7.86 -19.62
C THR C 65 3.46 -8.86 -18.70
N LEU C 66 4.51 -9.52 -19.16
CA LEU C 66 5.28 -10.43 -18.29
C LEU C 66 5.95 -9.72 -17.12
N GLN C 67 6.04 -8.39 -17.14
CA GLN C 67 6.60 -7.64 -16.01
C GLN C 67 5.57 -7.47 -14.88
N PHE C 68 4.28 -7.65 -15.18
CA PHE C 68 3.24 -7.60 -14.17
C PHE C 68 3.05 -8.99 -13.60
N LYS C 69 3.11 -9.11 -12.28
CA LYS C 69 2.91 -10.39 -11.62
C LYS C 69 2.63 -10.14 -10.15
N VAL C 70 1.95 -11.11 -9.54
CA VAL C 70 1.62 -11.01 -8.12
C VAL C 70 2.86 -11.37 -7.31
N GLY C 71 3.18 -10.52 -6.34
CA GLY C 71 4.34 -10.71 -5.49
C GLY C 71 4.04 -11.56 -4.28
N PRO C 72 4.90 -11.45 -3.27
CA PRO C 72 4.77 -12.28 -2.08
C PRO C 72 3.47 -12.01 -1.29
N PRO C 73 2.88 -13.02 -0.68
CA PRO C 73 1.69 -12.81 0.15
C PRO C 73 2.06 -12.11 1.44
N PHE C 74 1.15 -11.31 1.97
CA PHE C 74 1.42 -10.60 3.21
C PHE C 74 0.88 -11.40 4.37
N GLU C 75 1.48 -11.18 5.54
CA GLU C 75 1.11 -11.82 6.80
C GLU C 75 0.92 -10.76 7.88
N LEU C 76 0.04 -11.06 8.82
CA LEU C 76 -0.19 -10.20 9.95
C LEU C 76 1.05 -10.09 10.82
N VAL C 77 1.42 -8.87 11.16
CA VAL C 77 2.43 -8.61 12.17
C VAL C 77 1.75 -8.51 13.53
N ARG C 78 0.84 -7.56 13.65
CA ARG C 78 -0.01 -7.46 14.83
C ARG C 78 -1.14 -6.48 14.67
N ASP C 79 -2.09 -6.58 15.60
CA ASP C 79 -3.11 -5.59 15.81
C ASP C 79 -2.68 -4.71 16.95
N TYR C 80 -3.09 -3.45 16.88
CA TYR C 80 -2.65 -2.44 17.83
C TYR C 80 -3.88 -1.86 18.54
N CYS C 81 -4.23 -0.61 18.29
CA CYS C 81 -5.28 0.06 19.05
C CYS C 81 -6.68 -0.35 18.61
N PRO C 82 -7.53 -0.81 19.54
CA PRO C 82 -8.94 -1.07 19.23
C PRO C 82 -9.72 0.19 18.87
N VAL C 83 -10.69 0.05 17.97
CA VAL C 83 -11.58 1.12 17.53
C VAL C 83 -13.02 0.71 17.82
N VAL C 84 -13.81 1.62 18.38
CA VAL C 84 -15.21 1.34 18.70
C VAL C 84 -16.15 2.39 18.12
N GLU C 85 -17.35 1.98 17.76
CA GLU C 85 -18.38 2.92 17.29
C GLU C 85 -18.87 3.72 18.51
N SER C 86 -19.04 5.03 18.33
CA SER C 86 -19.18 5.96 19.48
C SER C 86 -20.46 5.90 20.36
N HIS C 87 -21.54 5.23 19.93
CA HIS C 87 -22.70 5.00 20.83
C HIS C 87 -22.95 3.56 21.17
N THR C 88 -22.87 2.68 20.17
CA THR C 88 -23.11 1.26 20.39
C THR C 88 -21.97 0.64 21.18
N GLY C 89 -20.77 1.18 21.02
CA GLY C 89 -19.57 0.64 21.64
C GLY C 89 -19.03 -0.58 20.91
N ARG C 90 -19.63 -0.92 19.77
CA ARG C 90 -19.26 -2.10 18.98
C ARG C 90 -17.82 -1.95 18.51
N THR C 91 -17.01 -2.98 18.69
CA THR C 91 -15.63 -2.94 18.20
C THR C 91 -15.66 -3.13 16.70
N LEU C 92 -14.87 -2.32 16.00
CA LEU C 92 -14.75 -2.40 14.56
C LEU C 92 -13.68 -3.45 14.19
N ASP C 93 -14.06 -4.47 13.44
CA ASP C 93 -13.22 -5.54 12.95
CA ASP C 93 -13.08 -5.52 13.08
C ASP C 93 -12.52 -4.89 11.75
C ASP C 93 -12.40 -5.34 11.72
N LEU C 94 -11.20 -5.01 11.70
N LEU C 94 -11.15 -4.92 11.76
CA LEU C 94 -10.46 -4.42 10.59
C LEU C 94 -9.53 -5.44 9.98
N ARG C 95 -9.32 -5.31 8.68
CA ARG C 95 -8.40 -6.18 7.96
C ARG C 95 -7.79 -5.44 6.79
N ILE C 96 -6.46 -5.35 6.79
CA ILE C 96 -5.72 -4.90 5.62
C ILE C 96 -5.79 -5.95 4.52
N ILE C 97 -5.97 -5.49 3.27
CA ILE C 97 -6.00 -6.35 2.09
C ILE C 97 -5.00 -5.83 1.06
N PRO C 98 -3.76 -6.28 1.17
CA PRO C 98 -2.66 -5.80 0.33
C PRO C 98 -2.22 -6.80 -0.73
N ARG C 99 -1.55 -6.26 -1.76
CA ARG C 99 -0.95 -7.10 -2.79
C ARG C 99 0.14 -6.34 -3.53
N ILE C 100 1.16 -7.07 -3.95
CA ILE C 100 2.18 -6.55 -4.84
C ILE C 100 1.85 -7.00 -6.26
N ASP C 101 1.87 -6.08 -7.24
CA ASP C 101 1.45 -6.38 -8.61
C ASP C 101 2.54 -6.23 -9.67
N ARG C 102 3.74 -5.85 -9.23
CA ARG C 102 4.89 -5.66 -10.12
C ARG C 102 6.14 -5.62 -9.27
N GLY C 103 7.24 -6.12 -9.81
CA GLY C 103 8.54 -5.89 -9.22
C GLY C 103 9.19 -7.05 -8.51
N PHE C 104 8.43 -8.12 -8.23
CA PHE C 104 8.96 -9.27 -7.48
C PHE C 104 8.67 -10.62 -8.13
N ASP C 105 9.71 -11.43 -8.23
CA ASP C 105 9.61 -12.76 -8.81
C ASP C 105 9.90 -13.84 -7.76
N HIS C 106 9.21 -14.96 -7.89
CA HIS C 106 9.43 -16.10 -7.03
C HIS C 106 10.42 -17.00 -7.77
N ILE C 107 11.68 -16.99 -7.32
CA ILE C 107 12.76 -17.72 -7.97
C ILE C 107 13.43 -18.60 -6.93
N ASP C 108 13.41 -19.91 -7.16
CA ASP C 108 13.99 -20.91 -6.24
C ASP C 108 13.67 -20.65 -4.76
N GLU C 109 12.38 -20.50 -4.47
CA GLU C 109 11.86 -20.33 -3.11
C GLU C 109 12.26 -19.00 -2.44
N GLU C 110 12.79 -18.07 -3.21
CA GLU C 110 13.04 -16.71 -2.73
C GLU C 110 12.16 -15.73 -3.48
N TRP C 111 11.82 -14.61 -2.85
CA TRP C 111 11.15 -13.52 -3.56
C TRP C 111 12.19 -12.45 -3.87
N VAL C 112 12.34 -12.12 -5.15
CA VAL C 112 13.46 -11.35 -5.65
C VAL C 112 13.00 -10.10 -6.39
N GLY C 113 13.49 -8.95 -5.96
CA GLY C 113 13.28 -7.70 -6.65
C GLY C 113 14.61 -7.15 -7.15
N TYR C 114 14.54 -6.10 -7.97
CA TYR C 114 15.70 -5.43 -8.54
C TYR C 114 15.73 -3.98 -8.08
N LYS C 115 16.85 -3.56 -7.51
CA LYS C 115 17.02 -2.19 -7.06
C LYS C 115 16.62 -1.14 -8.12
N ARG C 116 17.00 -1.36 -9.37
CA ARG C 116 16.77 -0.40 -10.44
C ARG C 116 15.35 -0.32 -10.97
N ASN C 117 14.47 -1.20 -10.52
CA ASN C 117 13.19 -1.36 -11.20
C ASN C 117 12.04 -1.01 -10.31
N TYR C 118 10.91 -0.71 -10.94
CA TYR C 118 9.71 -0.34 -10.21
C TYR C 118 9.03 -1.54 -9.59
N PHE C 119 8.46 -1.32 -8.40
CA PHE C 119 7.45 -2.21 -7.88
C PHE C 119 6.14 -1.45 -7.63
N THR C 120 5.04 -2.21 -7.58
CA THR C 120 3.72 -1.69 -7.27
C THR C 120 3.18 -2.45 -6.05
N LEU C 121 2.71 -1.70 -5.07
CA LEU C 121 2.08 -2.23 -3.87
C LEU C 121 0.74 -1.51 -3.73
N VAL C 122 -0.34 -2.29 -3.73
CA VAL C 122 -1.68 -1.77 -3.54
C VAL C 122 -2.30 -2.32 -2.26
N SER C 123 -3.19 -1.54 -1.64
CA SER C 123 -3.90 -2.05 -0.49
C SER C 123 -5.23 -1.36 -0.29
N THR C 124 -6.21 -2.11 0.20
CA THR C 124 -7.41 -1.55 0.79
C THR C 124 -7.48 -2.02 2.23
N PHE C 125 -8.55 -1.66 2.91
CA PHE C 125 -8.92 -2.33 4.16
C PHE C 125 -10.40 -2.61 4.14
N GLU C 126 -10.80 -3.58 4.95
CA GLU C 126 -12.22 -3.89 5.11
C GLU C 126 -12.62 -3.91 6.56
N THR C 127 -13.91 -3.68 6.77
CA THR C 127 -14.54 -3.71 8.08
C THR C 127 -15.64 -4.76 7.96
N ALA C 128 -15.34 -5.95 8.45
CA ALA C 128 -16.18 -7.12 8.26
C ALA C 128 -17.57 -6.96 8.87
N ASN C 129 -17.67 -6.15 9.92
CA ASN C 129 -18.92 -5.99 10.65
C ASN C 129 -19.66 -4.67 10.40
N CYS C 130 -19.28 -3.93 9.35
CA CYS C 130 -19.84 -2.61 9.08
C CYS C 130 -19.85 -2.29 7.59
N ASP C 131 -21.04 -2.15 6.99
CA ASP C 131 -21.11 -1.89 5.56
C ASP C 131 -20.72 -0.44 5.32
N LEU C 132 -20.15 -0.16 4.16
CA LEU C 132 -19.57 1.17 3.90
C LEU C 132 -20.55 2.32 4.17
N ASP C 133 -21.75 2.18 3.65
CA ASP C 133 -22.70 3.27 3.78
C ASP C 133 -22.98 3.65 5.25
N THR C 134 -23.14 2.67 6.12
CA THR C 134 -23.31 2.87 7.55
C THR C 134 -22.05 3.45 8.21
N PHE C 135 -20.91 2.85 7.89
CA PHE C 135 -19.59 3.27 8.37
C PHE C 135 -19.37 4.78 8.17
N LEU C 136 -19.67 5.29 6.99
CA LEU C 136 -19.41 6.68 6.66
C LEU C 136 -20.30 7.67 7.43
N LYS C 137 -21.48 7.22 7.86
CA LYS C 137 -22.41 8.05 8.62
C LYS C 137 -22.16 8.01 10.13
N SER C 138 -21.38 7.03 10.56
CA SER C 138 -21.12 6.79 11.98
C SER C 138 -19.91 7.59 12.47
N SER C 139 -19.55 7.44 13.74
CA SER C 139 -18.32 8.04 14.27
C SER C 139 -17.66 7.00 15.17
N PHE C 140 -16.34 7.09 15.27
CA PHE C 140 -15.53 6.06 15.90
C PHE C 140 -14.47 6.66 16.81
N ASP C 141 -14.21 5.95 17.90
CA ASP C 141 -13.22 6.35 18.89
C ASP C 141 -12.19 5.26 19.04
N LEU C 142 -10.98 5.67 19.40
CA LEU C 142 -9.93 4.76 19.82
C LEU C 142 -10.12 4.45 21.29
N LEU C 143 -9.98 3.17 21.64
CA LEU C 143 -9.96 2.72 23.03
C LEU C 143 -8.51 2.68 23.51
N VAL C 144 -8.06 3.73 24.19
CA VAL C 144 -6.70 3.74 24.78
C VAL C 144 -6.75 3.88 26.29
N GLY C 151 -10.60 7.16 28.04
CA GLY C 151 -9.44 7.25 27.17
C GLY C 151 -9.78 7.22 25.69
N ARG C 152 -10.86 7.89 25.30
CA ARG C 152 -11.35 7.87 23.92
C ARG C 152 -10.89 9.06 23.07
N LEU C 153 -10.09 8.78 22.04
CA LEU C 153 -9.72 9.77 21.04
C LEU C 153 -10.63 9.56 19.84
N ARG C 154 -11.21 10.64 19.31
CA ARG C 154 -12.09 10.53 18.15
C ARG C 154 -11.27 10.33 16.88
N VAL C 155 -11.63 9.32 16.10
CA VAL C 155 -10.99 9.09 14.81
C VAL C 155 -11.46 10.13 13.80
N GLN C 156 -10.52 10.88 13.20
CA GLN C 156 -10.85 11.79 12.11
C GLN C 156 -11.01 11.03 10.79
N TYR C 157 -10.08 10.12 10.52
CA TYR C 157 -10.12 9.33 9.31
C TYR C 157 -9.15 8.18 9.41
N PHE C 158 -9.35 7.17 8.57
CA PHE C 158 -8.45 6.05 8.45
C PHE C 158 -7.51 6.24 7.27
N ALA C 159 -6.32 5.66 7.39
CA ALA C 159 -5.28 5.83 6.37
C ALA C 159 -4.29 4.69 6.39
N ILE C 160 -3.62 4.51 5.26
CA ILE C 160 -2.55 3.53 5.13
C ILE C 160 -1.22 4.23 4.87
N LYS C 161 -0.16 3.63 5.42
CA LYS C 161 1.20 3.95 5.00
C LYS C 161 1.97 2.67 4.75
N ILE C 162 3.02 2.80 3.95
CA ILE C 162 3.92 1.69 3.70
C ILE C 162 5.32 2.02 4.16
N LYS C 163 6.04 0.97 4.50
CA LYS C 163 7.43 1.10 4.94
C LYS C 163 8.23 -0.08 4.41
N ALA C 164 9.53 0.12 4.25
CA ALA C 164 10.46 -0.97 4.01
C ALA C 164 11.37 -1.10 5.23
N LYS C 165 11.71 -2.35 5.53
CA LYS C 165 12.59 -2.66 6.64
C LYS C 165 13.59 -3.71 6.26
N ASN C 166 14.71 -3.71 6.99
CA ASN C 166 15.61 -4.85 7.05
C ASN C 166 14.93 -5.86 7.97
N ASP C 167 14.59 -7.02 7.43
CA ASP C 167 13.79 -8.01 8.13
C ASP C 167 14.54 -8.70 9.26
N ASP C 168 15.87 -8.64 9.24
CA ASP C 168 16.71 -9.26 10.28
C ASP C 168 16.89 -8.37 11.53
N ASP C 169 16.91 -7.05 11.36
CA ASP C 169 17.11 -6.16 12.51
C ASP C 169 16.11 -5.03 12.72
N ASP C 170 15.09 -4.95 11.87
CA ASP C 170 14.01 -3.98 11.98
C ASP C 170 14.39 -2.54 11.62
N THR C 171 15.59 -2.33 11.08
CA THR C 171 16.00 -1.00 10.62
C THR C 171 15.13 -0.56 9.43
N GLU C 172 14.65 0.69 9.43
CA GLU C 172 13.86 1.19 8.30
C GLU C 172 14.77 1.56 7.14
N ILE C 173 14.26 1.29 5.94
CA ILE C 173 14.92 1.54 4.69
C ILE C 173 14.03 2.49 3.89
N ASN C 174 14.62 3.53 3.32
CA ASN C 174 13.86 4.53 2.60
C ASN C 174 13.35 3.98 1.26
N LEU C 175 12.12 4.36 0.96
CA LEU C 175 11.50 4.12 -0.34
C LEU C 175 11.37 5.44 -1.09
N VAL C 176 11.41 5.34 -2.41
CA VAL C 176 11.25 6.50 -3.29
C VAL C 176 10.24 6.13 -4.36
N GLN C 177 9.51 7.13 -4.82
CA GLN C 177 8.60 6.99 -5.94
C GLN C 177 8.91 8.01 -7.00
N HIS C 178 8.59 7.65 -8.24
CA HIS C 178 8.64 8.60 -9.34
C HIS C 178 7.24 8.74 -9.92
N THR C 179 7.07 9.78 -10.73
CA THR C 179 5.93 9.88 -11.65
C THR C 179 6.28 9.11 -12.91
N ALA C 180 5.31 8.97 -13.81
CA ALA C 180 5.56 8.32 -15.09
C ALA C 180 6.72 8.97 -15.87
N LYS C 181 6.91 10.27 -15.66
CA LYS C 181 7.97 11.00 -16.34
C LYS C 181 9.36 10.67 -15.79
N ARG C 182 9.41 10.00 -14.65
CA ARG C 182 10.66 9.47 -14.07
C ARG C 182 11.69 10.61 -13.84
N ASP C 183 12.84 10.58 -14.51
CA ASP C 183 13.87 11.60 -14.30
C ASP C 183 13.47 13.00 -14.77
N LYS C 184 12.45 13.08 -15.63
CA LYS C 184 11.90 14.35 -16.07
C LYS C 184 10.74 14.85 -15.20
N GLY C 185 10.51 14.19 -14.07
CA GLY C 185 9.56 14.64 -13.07
C GLY C 185 10.19 14.56 -11.69
N PRO C 186 9.40 14.86 -10.66
CA PRO C 186 9.89 14.83 -9.28
C PRO C 186 10.01 13.43 -8.70
N GLN C 187 10.86 13.29 -7.69
CA GLN C 187 10.94 12.11 -6.83
C GLN C 187 10.29 12.47 -5.51
N PHE C 188 9.63 11.49 -4.90
CA PHE C 188 8.92 11.71 -3.64
C PHE C 188 8.90 10.44 -2.79
N CYS C 189 8.65 10.58 -1.50
CA CYS C 189 8.57 9.43 -0.61
C CYS C 189 7.10 9.00 -0.58
N PRO C 190 6.81 7.71 -0.44
CA PRO C 190 5.42 7.30 -0.25
C PRO C 190 4.75 8.10 0.85
N SER C 191 3.52 8.46 0.60
CA SER C 191 2.77 9.28 1.53
C SER C 191 1.69 8.47 2.22
N VAL C 192 1.16 9.04 3.27
CA VAL C 192 0.03 8.48 4.00
C VAL C 192 -1.20 8.74 3.14
N CYS C 193 -2.00 7.69 2.96
CA CYS C 193 -3.13 7.73 2.08
C CYS C 193 -4.42 7.55 2.86
N PRO C 194 -5.22 8.61 3.03
CA PRO C 194 -6.55 8.43 3.59
C PRO C 194 -7.35 7.47 2.73
N LEU C 195 -8.09 6.57 3.34
CA LEU C 195 -8.89 5.61 2.57
C LEU C 195 -10.18 5.29 3.30
N VAL C 196 -11.18 4.89 2.52
CA VAL C 196 -12.40 4.26 3.04
C VAL C 196 -12.37 2.78 2.67
N PRO C 197 -13.06 1.95 3.43
CA PRO C 197 -13.02 0.50 3.17
C PRO C 197 -13.57 0.11 1.81
N SER C 198 -12.91 -0.85 1.19
CA SER C 198 -13.21 -1.28 -0.16
C SER C 198 -12.61 -2.66 -0.38
N PRO C 199 -13.20 -3.46 -1.26
CA PRO C 199 -12.50 -4.64 -1.77
C PRO C 199 -11.30 -4.22 -2.60
N LEU C 200 -10.30 -5.07 -2.59
CA LEU C 200 -9.10 -4.85 -3.39
C LEU C 200 -9.39 -5.21 -4.84
N PRO C 201 -9.12 -4.31 -5.78
CA PRO C 201 -9.27 -4.65 -7.20
C PRO C 201 -8.41 -5.85 -7.60
N LYS C 202 -8.91 -6.62 -8.58
CA LYS C 202 -8.18 -7.73 -9.15
C LYS C 202 -6.86 -7.24 -9.78
N HIS C 203 -5.90 -8.14 -9.88
CA HIS C 203 -4.63 -7.86 -10.53
C HIS C 203 -4.81 -7.25 -11.92
N GLN C 204 -5.74 -7.80 -12.71
CA GLN C 204 -5.97 -7.26 -14.06
C GLN C 204 -6.40 -5.79 -14.01
N THR C 205 -7.18 -5.39 -13.01
CA THR C 205 -7.65 -4.02 -12.93
C THR C 205 -6.52 -3.05 -12.63
N ILE C 206 -5.66 -3.43 -11.69
CA ILE C 206 -4.48 -2.64 -11.40
C ILE C 206 -3.60 -2.52 -12.65
N ARG C 207 -3.36 -3.62 -13.36
CA ARG C 207 -2.63 -3.57 -14.63
C ARG C 207 -3.23 -2.57 -15.60
N GLU C 208 -4.54 -2.68 -15.81
CA GLU C 208 -5.22 -1.86 -16.81
C GLU C 208 -5.24 -0.38 -16.48
N ALA C 209 -5.15 -0.05 -15.19
CA ALA C 209 -5.28 1.33 -14.75
C ALA C 209 -3.94 1.99 -14.53
N SER C 210 -2.87 1.29 -14.86
CA SER C 210 -1.51 1.69 -14.49
C SER C 210 -0.99 2.94 -15.22
N ASN C 211 -1.47 3.17 -16.44
CA ASN C 211 -0.96 4.27 -17.26
C ASN C 211 -2.08 4.86 -18.12
N VAL C 212 -3.20 5.15 -17.46
CA VAL C 212 -4.35 5.76 -18.12
C VAL C 212 -4.27 7.27 -18.04
N ARG C 213 -4.50 7.92 -19.18
CA ARG C 213 -4.65 9.37 -19.27
C ARG C 213 -5.95 9.79 -19.98
N ASN C 214 -6.36 9.00 -20.97
CA ASN C 214 -7.62 9.22 -21.69
C ASN C 214 -8.81 9.39 -20.76
N ILE C 215 -9.58 10.48 -20.94
CA ILE C 215 -10.62 10.84 -19.98
C ILE C 215 -11.75 9.81 -19.92
N THR C 216 -12.13 9.24 -21.06
CA THR C 216 -13.21 8.26 -21.07
C THR C 216 -12.85 7.04 -20.24
N LYS C 217 -11.62 6.58 -20.36
CA LYS C 217 -11.14 5.42 -19.61
C LYS C 217 -11.02 5.78 -18.12
N MET C 218 -10.54 6.98 -17.83
CA MET C 218 -10.47 7.43 -16.43
C MET C 218 -11.84 7.38 -15.76
N LYS C 219 -12.87 7.77 -16.51
CA LYS C 219 -14.23 7.78 -15.99
C LYS C 219 -14.67 6.37 -15.64
N LYS C 220 -14.27 5.41 -16.47
CA LYS C 220 -14.65 4.02 -16.27
C LYS C 220 -14.07 3.44 -14.98
N TYR C 221 -12.88 3.89 -14.58
CA TYR C 221 -12.21 3.39 -13.38
C TYR C 221 -12.46 4.24 -12.14
N ASP C 222 -13.12 5.38 -12.30
CA ASP C 222 -13.19 6.37 -11.23
C ASP C 222 -13.83 5.80 -9.97
N SER C 223 -14.93 5.06 -10.16
CA SER C 223 -15.71 4.52 -9.05
C SER C 223 -14.95 3.41 -8.32
N THR C 224 -14.00 2.79 -9.00
CA THR C 224 -13.17 1.77 -8.36
C THR C 224 -12.16 2.39 -7.38
N PHE C 225 -11.61 3.55 -7.75
CA PHE C 225 -10.49 4.12 -7.02
C PHE C 225 -10.80 5.30 -6.10
N TYR C 226 -11.96 5.92 -6.28
CA TYR C 226 -12.30 7.15 -5.56
C TYR C 226 -13.74 7.20 -5.09
N LEU C 227 -13.91 7.84 -3.94
CA LEU C 227 -15.20 8.32 -3.46
C LEU C 227 -15.13 9.84 -3.49
N HIS C 228 -16.05 10.48 -4.20
CA HIS C 228 -16.11 11.94 -4.24
C HIS C 228 -17.17 12.45 -3.26
N ARG C 229 -16.70 12.90 -2.11
CA ARG C 229 -17.58 13.34 -1.04
C ARG C 229 -18.45 14.50 -1.47
N ASP C 230 -17.92 15.34 -2.33
CA ASP C 230 -18.70 16.48 -2.83
C ASP C 230 -19.92 16.07 -3.67
N HIS C 231 -20.05 14.80 -4.04
CA HIS C 231 -21.21 14.33 -4.79
C HIS C 231 -22.27 13.62 -3.95
N VAL C 232 -22.05 13.46 -2.65
CA VAL C 232 -23.07 12.86 -1.80
C VAL C 232 -24.13 13.89 -1.43
N ASN C 233 -25.26 13.41 -0.93
CA ASN C 233 -26.29 14.27 -0.41
C ASN C 233 -25.93 14.65 1.02
N TYR C 234 -25.44 15.86 1.22
CA TYR C 234 -24.97 16.32 2.53
C TYR C 234 -26.04 16.23 3.61
N GLU C 235 -27.29 16.36 3.22
CA GLU C 235 -28.38 16.30 4.19
C GLU C 235 -28.53 14.95 4.88
N GLU C 236 -27.98 13.89 4.27
CA GLU C 236 -28.01 12.57 4.87
C GLU C 236 -27.02 12.36 6.02
N TYR C 237 -26.13 13.33 6.25
CA TYR C 237 -24.98 13.17 7.14
C TYR C 237 -25.01 14.17 8.28
N GLY C 238 -24.65 13.70 9.47
CA GLY C 238 -24.41 14.57 10.60
C GLY C 238 -23.05 15.21 10.54
N VAL C 239 -22.94 16.37 11.19
CA VAL C 239 -21.70 17.11 11.27
C VAL C 239 -20.53 16.28 11.79
N ASP C 240 -20.85 15.37 12.69
CA ASP C 240 -19.85 14.54 13.34
C ASP C 240 -19.49 13.27 12.55
N SER C 241 -20.12 13.05 11.40
CA SER C 241 -19.94 11.79 10.68
C SER C 241 -18.49 11.63 10.21
N LEU C 242 -18.08 10.39 10.15
CA LEU C 242 -16.72 10.06 9.72
C LEU C 242 -16.43 10.63 8.34
N LEU C 243 -17.36 10.51 7.41
CA LEU C 243 -17.10 10.96 6.04
C LEU C 243 -16.64 12.41 6.04
N PHE C 244 -17.25 13.23 6.87
CA PHE C 244 -16.97 14.66 6.85
C PHE C 244 -15.78 15.12 7.70
N SER C 245 -15.07 14.17 8.30
CA SER C 245 -13.78 14.47 8.93
C SER C 245 -12.57 14.02 8.09
N TYR C 246 -12.81 13.40 6.93
CA TYR C 246 -11.73 13.14 5.95
C TYR C 246 -11.21 14.50 5.47
N PRO C 247 -9.91 14.56 5.17
CA PRO C 247 -9.28 15.87 4.89
C PRO C 247 -9.63 16.52 3.55
N GLU C 248 -9.95 15.72 2.54
CA GLU C 248 -10.25 16.22 1.20
C GLU C 248 -11.51 15.56 0.66
N ASP C 249 -12.15 16.24 -0.27
CA ASP C 249 -13.36 15.72 -0.89
C ASP C 249 -13.11 14.45 -1.70
N SER C 250 -11.97 14.38 -2.39
CA SER C 250 -11.62 13.19 -3.15
C SER C 250 -10.92 12.22 -2.23
N ILE C 251 -11.58 11.10 -1.96
CA ILE C 251 -11.09 10.10 -1.01
C ILE C 251 -10.79 8.82 -1.75
N GLN C 252 -9.57 8.32 -1.59
CA GLN C 252 -9.23 7.08 -2.23
C GLN C 252 -9.91 5.89 -1.58
N LYS C 253 -10.31 4.92 -2.41
CA LYS C 253 -10.79 3.62 -1.99
C LYS C 253 -9.66 2.60 -1.98
N VAL C 254 -8.59 2.88 -2.70
CA VAL C 254 -7.46 1.97 -2.83
C VAL C 254 -6.19 2.80 -2.70
N ALA C 255 -5.26 2.37 -1.83
CA ALA C 255 -3.93 2.96 -1.77
C ALA C 255 -3.10 2.29 -2.86
N ARG C 256 -2.64 3.07 -3.84
CA ARG C 256 -1.85 2.53 -4.96
C ARG C 256 -0.52 3.19 -4.92
N TYR C 257 0.50 2.41 -4.58
CA TYR C 257 1.85 2.91 -4.60
C TYR C 257 2.52 2.29 -5.82
N GLU C 258 2.64 3.08 -6.87
CA GLU C 258 3.23 2.63 -8.13
C GLU C 258 4.57 3.34 -8.36
N ARG C 259 5.42 2.71 -9.15
CA ARG C 259 6.72 3.29 -9.52
C ARG C 259 7.57 3.49 -8.28
N VAL C 260 7.49 2.52 -7.38
CA VAL C 260 8.25 2.56 -6.13
C VAL C 260 9.57 1.83 -6.31
N GLN C 261 10.60 2.36 -5.65
CA GLN C 261 11.90 1.70 -5.55
C GLN C 261 12.47 1.82 -4.15
N PHE C 262 13.33 0.88 -3.79
CA PHE C 262 14.19 1.06 -2.63
C PHE C 262 15.18 2.19 -2.95
N ALA C 263 15.51 2.97 -1.93
CA ALA C 263 16.43 4.11 -2.08
C ALA C 263 17.70 3.65 -2.75
N SER C 264 18.29 4.50 -3.56
CA SER C 264 19.44 4.12 -4.36
C SER C 264 20.67 3.82 -3.50
N SER C 265 20.64 4.26 -2.25
CA SER C 265 21.76 4.07 -1.33
C SER C 265 21.76 2.72 -0.61
N ILE C 266 20.76 1.89 -0.86
CA ILE C 266 20.60 0.66 -0.07
C ILE C 266 21.73 -0.29 -0.41
N SER C 267 22.27 -0.92 0.63
CA SER C 267 23.25 -1.97 0.48
C SER C 267 22.48 -3.27 0.47
N VAL C 268 22.62 -4.06 -0.58
CA VAL C 268 21.78 -5.26 -0.73
C VAL C 268 22.43 -6.54 -0.23
N LYS C 269 23.71 -6.49 0.08
CA LYS C 269 24.42 -7.62 0.65
C LYS C 269 24.98 -7.28 2.01
N LYS C 270 25.06 -8.28 2.87
CA LYS C 270 25.76 -8.20 4.14
C LYS C 270 27.26 -8.24 3.93
N PRO C 271 28.05 -7.85 4.92
CA PRO C 271 29.51 -8.01 4.81
C PRO C 271 30.01 -9.43 4.47
N SER C 272 29.28 -10.46 4.91
CA SER C 272 29.58 -11.85 4.58
C SER C 272 29.33 -12.22 3.10
N GLN C 273 28.79 -11.25 2.35
CA GLN C 273 28.30 -11.37 0.96
C GLN C 273 26.99 -12.16 0.83
N GLN C 274 26.43 -12.61 1.95
CA GLN C 274 25.07 -13.13 1.95
C GLN C 274 24.12 -12.00 1.59
N ASN C 275 23.00 -12.33 0.96
CA ASN C 275 22.02 -11.30 0.67
C ASN C 275 21.35 -10.79 1.94
N LYS C 276 21.10 -9.49 2.00
CA LYS C 276 20.26 -8.95 3.04
C LYS C 276 18.82 -9.37 2.77
N HIS C 277 18.03 -9.46 3.82
CA HIS C 277 16.62 -9.75 3.70
C HIS C 277 15.86 -8.49 4.05
N PHE C 278 14.96 -8.10 3.16
CA PHE C 278 14.10 -6.94 3.38
C PHE C 278 12.66 -7.38 3.52
N SER C 279 11.81 -6.47 3.98
CA SER C 279 10.38 -6.75 4.04
C SER C 279 9.62 -5.47 3.80
N LEU C 280 8.49 -5.56 3.08
CA LEU C 280 7.61 -4.44 2.89
C LEU C 280 6.42 -4.55 3.85
N HIS C 281 6.11 -3.43 4.46
CA HIS C 281 5.12 -3.35 5.52
C HIS C 281 3.98 -2.43 5.10
N VAL C 282 2.76 -2.83 5.43
CA VAL C 282 1.59 -1.98 5.23
C VAL C 282 0.96 -1.79 6.59
N ILE C 283 0.74 -0.52 6.95
CA ILE C 283 0.18 -0.17 8.27
C ILE C 283 -1.12 0.61 8.06
N LEU C 284 -2.17 0.16 8.72
CA LEU C 284 -3.46 0.85 8.80
C LEU C 284 -3.49 1.63 10.08
N GLY C 285 -3.82 2.92 9.97
CA GLY C 285 -3.87 3.81 11.11
C GLY C 285 -5.15 4.64 11.17
N ALA C 286 -5.40 5.17 12.36
CA ALA C 286 -6.43 6.18 12.58
C ALA C 286 -5.75 7.49 12.85
N VAL C 287 -6.16 8.53 12.14
CA VAL C 287 -5.60 9.85 12.35
C VAL C 287 -6.48 10.58 13.36
N VAL C 288 -5.84 11.10 14.40
CA VAL C 288 -6.52 11.79 15.50
C VAL C 288 -5.87 13.12 15.78
N ASP C 289 -6.61 14.00 16.44
CA ASP C 289 -6.09 15.28 16.92
C ASP C 289 -5.19 15.06 18.15
N PRO C 290 -3.94 15.53 18.10
CA PRO C 290 -2.99 15.32 19.20
C PRO C 290 -3.34 16.07 20.50
N ASP C 291 -4.20 17.08 20.40
CA ASP C 291 -4.61 17.89 21.55
C ASP C 291 -5.24 17.04 22.65
N GLY C 299 0.40 6.30 25.24
CA GLY C 299 1.45 5.31 25.38
C GLY C 299 1.27 4.12 24.45
N ILE C 300 0.89 4.39 23.21
CA ILE C 300 0.67 3.36 22.20
C ILE C 300 1.34 3.76 20.89
N PRO C 301 1.68 2.81 20.02
CA PRO C 301 2.41 3.13 18.79
C PRO C 301 1.69 4.10 17.85
N TYR C 302 2.41 5.11 17.40
CA TYR C 302 1.89 6.12 16.49
C TYR C 302 3.04 6.84 15.79
N ASP C 303 2.74 7.45 14.66
CA ASP C 303 3.65 8.38 14.00
C ASP C 303 3.02 9.77 13.94
N GLU C 304 3.85 10.80 14.00
CA GLU C 304 3.33 12.15 13.81
C GLU C 304 3.02 12.37 12.33
N LEU C 305 2.02 13.20 12.07
CA LEU C 305 1.56 13.43 10.72
C LEU C 305 1.30 14.92 10.49
N ALA C 306 1.81 15.45 9.38
CA ALA C 306 1.45 16.80 8.94
C ALA C 306 -0.04 16.84 8.61
N LEU C 307 -0.82 17.52 9.45
CA LEU C 307 -2.27 17.55 9.31
C LEU C 307 -2.72 18.61 8.31
N LYS C 308 -4.02 18.65 8.03
CA LYS C 308 -4.59 19.58 7.05
C LYS C 308 -4.60 21.01 7.60
N ASN C 309 -5.13 21.18 8.81
CA ASN C 309 -5.20 22.49 9.45
C ASN C 309 -3.85 23.07 9.88
N GLY C 310 -2.77 22.30 9.68
CA GLY C 310 -1.42 22.76 9.94
C GLY C 310 -0.82 22.13 11.18
N SER C 311 -1.66 21.87 12.18
CA SER C 311 -1.23 21.28 13.46
C SER C 311 -0.68 19.85 13.28
N LYS C 312 -0.13 19.31 14.37
CA LYS C 312 0.60 18.05 14.32
C LYS C 312 -0.29 16.85 14.69
N GLY C 313 -0.88 16.22 13.70
CA GLY C 313 -1.72 15.05 13.93
C GLY C 313 -0.98 13.83 14.46
N MET C 314 -1.74 12.79 14.79
CA MET C 314 -1.16 11.52 15.20
C MET C 314 -1.78 10.43 14.33
N PHE C 315 -0.95 9.66 13.66
CA PHE C 315 -1.37 8.46 12.93
C PHE C 315 -1.20 7.30 13.88
N VAL C 316 -2.30 6.89 14.53
CA VAL C 316 -2.24 5.86 15.55
C VAL C 316 -2.36 4.51 14.89
N TYR C 317 -1.45 3.60 15.19
CA TYR C 317 -1.42 2.31 14.51
C TYR C 317 -2.62 1.46 14.93
N LEU C 318 -3.24 0.81 13.94
CA LEU C 318 -4.34 -0.14 14.18
C LEU C 318 -3.97 -1.59 13.83
N GLN C 319 -3.28 -1.78 12.70
CA GLN C 319 -2.90 -3.11 12.23
C GLN C 319 -1.73 -2.96 11.29
N GLU C 320 -0.89 -3.99 11.23
CA GLU C 320 0.28 -4.01 10.35
C GLU C 320 0.45 -5.40 9.75
N MET C 321 0.74 -5.45 8.46
CA MET C 321 1.08 -6.69 7.74
C MET C 321 2.44 -6.51 7.06
N LYS C 322 3.10 -7.61 6.77
CA LYS C 322 4.40 -7.54 6.10
C LYS C 322 4.57 -8.71 5.14
N THR C 323 5.51 -8.56 4.22
CA THR C 323 5.88 -9.66 3.35
C THR C 323 6.87 -10.59 4.04
N PRO C 324 7.00 -11.80 3.54
CA PRO C 324 8.14 -12.63 3.92
C PRO C 324 9.41 -11.94 3.46
N PRO C 325 10.55 -12.52 3.83
CA PRO C 325 11.81 -11.95 3.40
C PRO C 325 11.95 -11.81 1.87
N LEU C 326 12.51 -10.68 1.47
CA LEU C 326 12.77 -10.29 0.10
C LEU C 326 14.26 -10.12 -0.13
N ILE C 327 14.74 -10.61 -1.28
CA ILE C 327 16.09 -10.35 -1.76
C ILE C 327 16.02 -9.23 -2.78
N ILE C 328 16.92 -8.27 -2.71
CA ILE C 328 16.99 -7.23 -3.72
C ILE C 328 18.32 -7.34 -4.45
N ARG C 329 18.25 -7.44 -5.78
CA ARG C 329 19.46 -7.49 -6.60
C ARG C 329 19.88 -6.09 -6.99
N GLY C 330 21.17 -5.84 -6.77
CA GLY C 330 21.73 -4.54 -7.06
C GLY C 330 22.19 -4.38 -8.49
N ARG C 331 23.00 -3.35 -8.69
CA ARG C 331 23.37 -2.91 -10.03
C ARG C 331 24.52 -3.68 -10.66
N SER C 332 25.02 -4.70 -9.97
CA SER C 332 26.13 -5.50 -10.50
C SER C 332 25.77 -6.07 -11.87
N PRO C 333 26.72 -6.11 -12.79
CA PRO C 333 26.46 -6.69 -14.11
C PRO C 333 26.05 -8.14 -14.07
N SER C 334 26.53 -8.87 -13.06
CA SER C 334 26.22 -10.29 -12.92
C SER C 334 24.75 -10.53 -12.56
N ASN C 335 24.03 -9.48 -12.18
CA ASN C 335 22.58 -9.60 -12.00
C ASN C 335 21.74 -9.51 -13.28
N TYR C 336 22.40 -9.35 -14.43
CA TYR C 336 21.69 -9.16 -15.67
C TYR C 336 22.14 -10.14 -16.75
N ALA C 337 21.18 -10.56 -17.57
CA ALA C 337 21.43 -11.53 -18.63
C ALA C 337 22.43 -11.00 -19.64
N SER C 338 22.58 -9.67 -19.71
CA SER C 338 23.50 -9.05 -20.65
C SER C 338 24.93 -9.50 -20.37
N SER C 339 25.22 -9.86 -19.13
CA SER C 339 26.57 -10.32 -18.77
C SER C 339 26.91 -11.72 -19.31
N GLN C 340 25.91 -12.47 -19.74
CA GLN C 340 26.10 -13.84 -20.23
C GLN C 340 26.14 -13.92 -21.77
#